data_4POP
#
_entry.id   4POP
#
_cell.length_a   62.610
_cell.length_b   84.120
_cell.length_c   127.150
_cell.angle_alpha   90.00
_cell.angle_beta   95.13
_cell.angle_gamma   90.00
#
_symmetry.space_group_name_H-M   'C 1 2 1'
#
loop_
_entity.id
_entity.type
_entity.pdbx_description
1 polymer 'Thiamine transporter ThiT'
2 non-polymer 4-[(4-amino-2-methylpyrimidin-5-yl)methyl]-3-methylthiophene-2-carbaldehyde
3 non-polymer 2-(2-METHOXYETHOXY)ETHANOL
4 non-polymer 'nonyl beta-D-glucopyranoside'
5 non-polymer DI(HYDROXYETHYL)ETHER
6 non-polymer 'TETRAETHYLENE GLYCOL'
7 non-polymer 'PENTAETHYLENE GLYCOL'
8 non-polymer 'TRIETHYLENE GLYCOL'
9 non-polymer 'HEXAETHYLENE GLYCOL'
10 non-polymer 3,6,9,12,15,18-HEXAOXAICOSANE-1,20-DIOL
11 water water
#
_entity_poly.entity_id   1
_entity_poly.type   'polypeptide(L)'
_entity_poly.pdbx_seq_one_letter_code
;MHHHHHHHHAMSNSKFNVRLLTEIAFMAALAFIISLIPNTVYGWIIVEIACIPILLLSLRRGLTAGLVGGLIWGILSMIT
GHAYILSLSQAFLEYLVAPVSLGIAGLFRQKTAPLKLAPVLLGTFVAVLLKYFFHFIAGIIFWSQYAWKGWGAVAYSLAV
NGISGILTAIAAFVILIIFVKKFPKLFIHSNY
;
_entity_poly.pdbx_strand_id   A,B
#
loop_
_chem_comp.id
_chem_comp.type
_chem_comp.name
_chem_comp.formula
1PE non-polymer 'PENTAETHYLENE GLYCOL' 'C10 H22 O6'
2VY non-polymer 4-[(4-amino-2-methylpyrimidin-5-yl)methyl]-3-methylthiophene-2-carbaldehyde 'C12 H13 N3 O S'
BNG D-saccharide 'nonyl beta-D-glucopyranoside' 'C15 H30 O6'
P33 non-polymer 3,6,9,12,15,18-HEXAOXAICOSANE-1,20-DIOL 'C14 H30 O8'
P6G non-polymer 'HEXAETHYLENE GLYCOL' 'C12 H26 O7'
PEG non-polymer DI(HYDROXYETHYL)ETHER 'C4 H10 O3'
PG0 non-polymer 2-(2-METHOXYETHOXY)ETHANOL 'C5 H12 O3'
PG4 non-polymer 'TETRAETHYLENE GLYCOL' 'C8 H18 O5'
PGE non-polymer 'TRIETHYLENE GLYCOL' 'C6 H14 O4'
#
# COMPACT_ATOMS: atom_id res chain seq x y z
N PHE A 16 6.27 -33.97 -6.28
CA PHE A 16 5.17 -34.92 -6.20
C PHE A 16 3.81 -34.22 -6.25
N ASN A 17 2.86 -34.93 -6.84
CA ASN A 17 1.50 -34.42 -6.95
C ASN A 17 0.77 -34.46 -5.61
N VAL A 18 1.10 -35.46 -4.79
CA VAL A 18 0.48 -35.59 -3.47
C VAL A 18 0.83 -34.39 -2.60
N ARG A 19 2.11 -34.05 -2.56
CA ARG A 19 2.57 -32.94 -1.75
C ARG A 19 1.86 -31.64 -2.20
N LEU A 20 1.74 -31.47 -3.50
CA LEU A 20 1.19 -30.26 -4.11
C LEU A 20 -0.30 -30.07 -3.80
N LEU A 21 -1.04 -31.16 -3.89
CA LEU A 21 -2.46 -31.12 -3.62
C LEU A 21 -2.75 -30.76 -2.19
N THR A 22 -1.89 -31.24 -1.28
CA THR A 22 -2.13 -31.03 0.12
C THR A 22 -1.82 -29.59 0.44
N GLU A 23 -0.73 -29.06 -0.14
CA GLU A 23 -0.35 -27.66 0.10
C GLU A 23 -1.44 -26.72 -0.40
N ILE A 24 -1.93 -26.99 -1.60
CA ILE A 24 -3.07 -26.27 -2.17
C ILE A 24 -4.26 -26.34 -1.23
N ALA A 25 -4.64 -27.56 -0.86
CA ALA A 25 -5.78 -27.76 0.00
C ALA A 25 -5.60 -26.99 1.30
N PHE A 26 -4.42 -27.12 1.91
CA PHE A 26 -4.23 -26.54 3.22
C PHE A 26 -4.27 -25.01 3.20
N MET A 27 -3.84 -24.41 2.10
CA MET A 27 -3.71 -22.97 2.08
C MET A 27 -5.07 -22.39 1.77
N ALA A 28 -5.91 -23.14 1.05
CA ALA A 28 -7.27 -22.68 0.77
C ALA A 28 -8.01 -22.63 2.10
N ALA A 29 -7.84 -23.71 2.87
CA ALA A 29 -8.52 -23.86 4.14
C ALA A 29 -8.06 -22.77 5.09
N LEU A 30 -6.75 -22.50 5.06
CA LEU A 30 -6.15 -21.46 5.90
C LEU A 30 -6.74 -20.09 5.55
N ALA A 31 -6.87 -19.80 4.28
CA ALA A 31 -7.49 -18.54 3.85
C ALA A 31 -8.91 -18.39 4.39
N PHE A 32 -9.72 -19.43 4.25
CA PHE A 32 -11.08 -19.38 4.72
C PHE A 32 -11.09 -19.18 6.21
N ILE A 33 -10.20 -19.89 6.90
CA ILE A 33 -10.19 -19.81 8.33
C ILE A 33 -9.81 -18.38 8.71
N ILE A 34 -8.82 -17.82 8.03
CA ILE A 34 -8.41 -16.47 8.37
C ILE A 34 -9.51 -15.49 8.00
N SER A 35 -10.24 -15.74 6.92
CA SER A 35 -11.35 -14.85 6.60
C SER A 35 -12.40 -14.71 7.73
N LEU A 36 -12.36 -15.58 8.73
CA LEU A 36 -13.31 -15.53 9.86
C LEU A 36 -12.94 -14.48 10.90
N ILE A 37 -11.75 -13.91 10.81
CA ILE A 37 -11.36 -12.83 11.69
C ILE A 37 -12.00 -11.53 11.22
N PRO A 38 -12.64 -10.77 12.14
CA PRO A 38 -13.17 -9.44 11.81
C PRO A 38 -12.13 -8.53 11.18
N ASN A 39 -12.42 -7.96 10.02
CA ASN A 39 -11.39 -7.25 9.22
C ASN A 39 -11.93 -5.99 8.61
N THR A 40 -13.02 -5.51 9.20
CA THR A 40 -13.73 -4.33 8.72
C THR A 40 -13.15 -3.04 9.34
N VAL A 41 -12.80 -2.11 8.48
CA VAL A 41 -12.33 -0.80 8.93
C VAL A 41 -13.51 0.17 9.03
N TYR A 42 -14.26 0.25 7.92
CA TYR A 42 -15.44 1.10 7.82
C TYR A 42 -16.27 0.59 6.67
N GLY A 43 -17.47 0.12 6.95
CA GLY A 43 -18.33 -0.43 5.94
C GLY A 43 -17.65 -1.54 5.16
N TRP A 44 -17.65 -1.45 3.85
CA TRP A 44 -17.02 -2.48 3.03
C TRP A 44 -15.54 -2.15 2.77
N ILE A 45 -14.99 -1.17 3.50
CA ILE A 45 -13.53 -0.99 3.49
C ILE A 45 -12.97 -1.97 4.50
N ILE A 46 -12.12 -2.86 3.99
CA ILE A 46 -11.66 -4.01 4.73
C ILE A 46 -10.19 -4.28 4.50
N VAL A 47 -9.62 -5.04 5.42
CA VAL A 47 -8.24 -5.51 5.28
C VAL A 47 -8.29 -7.00 5.03
N GLU A 48 -8.16 -7.44 3.79
CA GLU A 48 -8.38 -8.87 3.50
C GLU A 48 -7.12 -9.75 3.71
N ILE A 49 -6.78 -9.98 4.97
CA ILE A 49 -5.60 -10.74 5.31
C ILE A 49 -5.69 -12.18 4.85
N ALA A 50 -6.88 -12.61 4.44
CA ALA A 50 -7.09 -14.00 4.06
C ALA A 50 -6.57 -14.28 2.65
N CYS A 51 -6.18 -13.22 1.94
CA CYS A 51 -5.53 -13.31 0.66
C CYS A 51 -4.16 -13.93 0.83
N ILE A 52 -3.61 -13.83 2.04
CA ILE A 52 -2.17 -14.05 2.23
C ILE A 52 -1.78 -15.52 1.99
N PRO A 53 -2.52 -16.49 2.54
CA PRO A 53 -2.14 -17.88 2.23
C PRO A 53 -2.23 -18.19 0.73
N ILE A 54 -3.15 -17.56 0.02
CA ILE A 54 -3.26 -17.81 -1.40
C ILE A 54 -2.05 -17.21 -2.13
N LEU A 55 -1.67 -15.99 -1.73
CA LEU A 55 -0.47 -15.37 -2.29
C LEU A 55 0.76 -16.18 -2.06
N LEU A 56 0.93 -16.68 -0.83
CA LEU A 56 2.10 -17.47 -0.53
C LEU A 56 2.09 -18.73 -1.40
N LEU A 57 0.92 -19.39 -1.52
CA LEU A 57 0.75 -20.60 -2.30
C LEU A 57 1.16 -20.38 -3.75
N SER A 58 0.63 -19.31 -4.34
CA SER A 58 0.96 -18.96 -5.73
C SER A 58 2.44 -18.64 -5.88
N LEU A 59 2.99 -17.93 -4.90
CA LEU A 59 4.37 -17.46 -5.01
C LEU A 59 5.30 -18.69 -4.94
N ARG A 60 4.89 -19.72 -4.21
CA ARG A 60 5.75 -20.87 -3.96
C ARG A 60 5.58 -21.95 -5.03
N ARG A 61 4.35 -22.11 -5.53
CA ARG A 61 4.01 -23.18 -6.45
C ARG A 61 3.64 -22.75 -7.88
N GLY A 62 3.44 -21.44 -8.09
CA GLY A 62 3.22 -20.93 -9.43
C GLY A 62 1.77 -20.70 -9.76
N LEU A 63 1.51 -20.28 -10.99
CA LEU A 63 0.19 -19.87 -11.42
C LEU A 63 -0.93 -20.89 -11.17
N THR A 64 -0.81 -22.08 -11.72
CA THR A 64 -1.93 -23.02 -11.65
C THR A 64 -2.30 -23.33 -10.21
N ALA A 65 -1.30 -23.64 -9.38
CA ALA A 65 -1.60 -23.93 -7.97
C ALA A 65 -2.36 -22.78 -7.31
N GLY A 66 -1.92 -21.54 -7.59
CA GLY A 66 -2.49 -20.33 -7.06
C GLY A 66 -3.93 -20.14 -7.49
N LEU A 67 -4.20 -20.29 -8.78
CA LEU A 67 -5.55 -20.23 -9.32
C LEU A 67 -6.45 -21.22 -8.61
N VAL A 68 -5.93 -22.39 -8.33
CA VAL A 68 -6.78 -23.48 -7.84
C VAL A 68 -7.03 -23.26 -6.35
N GLY A 69 -6.01 -22.79 -5.64
CA GLY A 69 -6.19 -22.42 -4.25
C GLY A 69 -7.26 -21.35 -4.13
N GLY A 70 -7.22 -20.35 -5.01
CA GLY A 70 -8.19 -19.28 -4.99
C GLY A 70 -9.61 -19.79 -5.22
N LEU A 71 -9.75 -20.69 -6.19
CA LEU A 71 -11.02 -21.32 -6.46
C LEU A 71 -11.60 -21.96 -5.21
N ILE A 72 -10.82 -22.82 -4.56
CA ILE A 72 -11.27 -23.61 -3.42
C ILE A 72 -11.64 -22.67 -2.28
N TRP A 73 -10.80 -21.66 -2.05
CA TRP A 73 -11.15 -20.67 -1.05
C TRP A 73 -12.50 -20.04 -1.35
N GLY A 74 -12.70 -19.60 -2.59
CA GLY A 74 -13.96 -18.96 -2.94
C GLY A 74 -15.16 -19.87 -2.75
N ILE A 75 -15.00 -21.15 -3.10
CA ILE A 75 -16.07 -22.11 -2.98
C ILE A 75 -16.33 -22.34 -1.51
N LEU A 76 -15.29 -22.39 -0.68
CA LEU A 76 -15.51 -22.53 0.75
C LEU A 76 -16.33 -21.36 1.32
N SER A 77 -16.00 -20.12 0.92
CA SER A 77 -16.73 -18.94 1.38
C SER A 77 -18.19 -19.07 1.06
N MET A 78 -18.48 -19.55 -0.14
CA MET A 78 -19.87 -19.51 -0.56
C MET A 78 -20.68 -20.60 0.15
N ILE A 79 -20.17 -21.83 0.20
CA ILE A 79 -20.96 -22.96 0.68
C ILE A 79 -21.13 -22.97 2.21
N THR A 80 -20.29 -22.23 2.91
CA THR A 80 -20.39 -22.06 4.37
C THR A 80 -21.32 -20.91 4.77
N GLY A 81 -21.87 -20.19 3.81
CA GLY A 81 -22.66 -19.01 4.09
C GLY A 81 -21.86 -17.77 4.51
N HIS A 82 -20.56 -17.74 4.23
CA HIS A 82 -19.76 -16.61 4.69
C HIS A 82 -19.53 -15.60 3.60
N ALA A 83 -20.06 -15.90 2.43
CA ALA A 83 -20.05 -15.00 1.27
C ALA A 83 -21.28 -14.08 1.27
N TYR A 84 -21.07 -12.83 0.86
CA TYR A 84 -22.18 -11.88 0.65
C TYR A 84 -22.60 -11.87 -0.83
N ILE A 85 -23.74 -12.50 -1.11
CA ILE A 85 -24.22 -12.72 -2.48
C ILE A 85 -25.47 -11.92 -2.81
N LEU A 86 -25.49 -11.35 -4.02
CA LEU A 86 -26.56 -10.49 -4.48
C LEU A 86 -27.25 -11.03 -5.72
N SER A 87 -26.55 -11.90 -6.44
CA SER A 87 -27.00 -12.51 -7.69
C SER A 87 -25.95 -13.55 -8.11
N LEU A 88 -26.27 -14.33 -9.13
CA LEU A 88 -25.38 -15.37 -9.62
C LEU A 88 -24.14 -14.72 -10.23
N SER A 89 -24.32 -13.77 -11.15
CA SER A 89 -23.17 -13.14 -11.77
C SER A 89 -22.26 -12.46 -10.73
N GLN A 90 -22.84 -11.82 -9.72
CA GLN A 90 -22.02 -11.09 -8.75
C GLN A 90 -21.21 -12.03 -7.88
N ALA A 91 -21.82 -13.15 -7.49
CA ALA A 91 -21.14 -14.20 -6.74
C ALA A 91 -20.01 -14.83 -7.55
N PHE A 92 -20.30 -15.13 -8.82
CA PHE A 92 -19.28 -15.56 -9.78
C PHE A 92 -18.11 -14.57 -9.86
N LEU A 93 -18.42 -13.31 -10.00
CA LEU A 93 -17.38 -12.30 -10.13
C LEU A 93 -16.58 -12.20 -8.85
N GLU A 94 -17.26 -12.15 -7.71
CA GLU A 94 -16.57 -11.74 -6.47
C GLU A 94 -16.09 -12.90 -5.62
N TYR A 95 -16.61 -14.09 -5.85
CA TYR A 95 -16.16 -15.24 -5.08
C TYR A 95 -15.62 -16.37 -5.94
N LEU A 96 -15.56 -16.19 -7.25
CA LEU A 96 -14.82 -17.17 -8.07
C LEU A 96 -13.67 -16.45 -8.76
N VAL A 97 -13.99 -15.51 -9.64
CA VAL A 97 -12.97 -14.82 -10.39
C VAL A 97 -12.00 -14.06 -9.50
N ALA A 98 -12.52 -13.27 -8.57
CA ALA A 98 -11.67 -12.41 -7.70
C ALA A 98 -10.64 -13.23 -6.87
N PRO A 99 -11.11 -14.29 -6.17
CA PRO A 99 -10.11 -15.03 -5.42
C PRO A 99 -9.19 -15.87 -6.33
N VAL A 100 -9.76 -16.49 -7.38
CA VAL A 100 -8.92 -17.17 -8.36
C VAL A 100 -7.80 -16.20 -8.88
N SER A 101 -8.12 -14.92 -9.05
CA SER A 101 -7.19 -13.98 -9.70
C SER A 101 -5.94 -13.73 -8.88
N LEU A 102 -6.01 -13.97 -7.58
CA LEU A 102 -4.83 -13.89 -6.75
C LEU A 102 -3.67 -14.76 -7.33
N GLY A 103 -3.99 -15.86 -8.03
CA GLY A 103 -3.00 -16.80 -8.53
C GLY A 103 -1.98 -16.16 -9.45
N ILE A 104 -2.36 -15.02 -10.03
CA ILE A 104 -1.50 -14.27 -10.90
C ILE A 104 -0.16 -13.99 -10.22
N ALA A 105 -0.12 -14.04 -8.89
CA ALA A 105 1.11 -13.89 -8.15
C ALA A 105 2.11 -14.99 -8.53
N GLY A 106 1.60 -16.13 -8.98
CA GLY A 106 2.45 -17.26 -9.30
C GLY A 106 3.39 -16.95 -10.44
N LEU A 107 3.14 -15.87 -11.18
CA LEU A 107 4.00 -15.56 -12.32
C LEU A 107 5.34 -14.98 -11.85
N PHE A 108 5.44 -14.68 -10.54
CA PHE A 108 6.63 -14.07 -9.94
C PHE A 108 7.31 -15.07 -9.01
N ARG A 109 6.90 -16.33 -9.11
CA ARG A 109 7.62 -17.38 -8.40
C ARG A 109 9.12 -17.34 -8.66
N GLN A 110 9.86 -17.50 -7.58
CA GLN A 110 11.28 -17.67 -7.65
C GLN A 110 11.57 -19.16 -7.41
N LYS A 111 12.27 -19.77 -8.34
CA LYS A 111 12.62 -21.17 -8.24
C LYS A 111 13.99 -21.36 -7.58
N THR A 112 14.84 -20.33 -7.61
CA THR A 112 16.24 -20.45 -7.22
C THR A 112 16.65 -19.47 -6.14
N ALA A 113 17.44 -19.93 -5.18
CA ALA A 113 17.98 -19.07 -4.14
C ALA A 113 19.05 -18.21 -4.77
N PRO A 114 19.39 -17.06 -4.15
CA PRO A 114 18.71 -16.50 -2.98
C PRO A 114 17.35 -15.89 -3.34
N LEU A 115 16.41 -15.96 -2.42
CA LEU A 115 15.14 -15.26 -2.56
C LEU A 115 15.38 -13.75 -2.62
N LYS A 116 14.82 -13.10 -3.63
CA LYS A 116 14.82 -11.66 -3.73
C LYS A 116 13.48 -11.14 -3.24
N LEU A 117 13.49 -9.99 -2.58
CA LEU A 117 12.27 -9.43 -2.02
C LEU A 117 11.38 -8.83 -3.11
N ALA A 118 11.98 -8.27 -4.15
CA ALA A 118 11.23 -7.45 -5.08
C ALA A 118 10.19 -8.29 -5.84
N PRO A 119 10.55 -9.49 -6.30
CA PRO A 119 9.48 -10.25 -6.93
C PRO A 119 8.30 -10.58 -5.98
N VAL A 120 8.58 -10.73 -4.69
CA VAL A 120 7.52 -11.07 -3.76
C VAL A 120 6.54 -9.88 -3.68
N LEU A 121 7.07 -8.66 -3.51
CA LEU A 121 6.27 -7.47 -3.42
C LEU A 121 5.55 -7.17 -4.72
N LEU A 122 6.22 -7.42 -5.84
CA LEU A 122 5.67 -7.11 -7.15
C LEU A 122 4.49 -8.01 -7.45
N GLY A 123 4.65 -9.31 -7.17
CA GLY A 123 3.58 -10.25 -7.42
C GLY A 123 2.40 -10.07 -6.43
N THR A 124 2.68 -9.64 -5.21
CA THR A 124 1.64 -9.37 -4.22
C THR A 124 0.83 -8.15 -4.68
N PHE A 125 1.53 -7.09 -5.06
CA PHE A 125 0.93 -5.86 -5.53
C PHE A 125 0.02 -6.15 -6.73
N VAL A 126 0.55 -6.83 -7.74
CA VAL A 126 -0.22 -7.07 -8.94
C VAL A 126 -1.49 -7.92 -8.67
N ALA A 127 -1.35 -8.93 -7.84
CA ALA A 127 -2.46 -9.85 -7.59
C ALA A 127 -3.59 -9.24 -6.68
N VAL A 128 -3.20 -8.47 -5.67
CA VAL A 128 -4.18 -7.81 -4.80
C VAL A 128 -4.90 -6.76 -5.65
N LEU A 129 -4.12 -6.02 -6.44
CA LEU A 129 -4.68 -5.08 -7.39
C LEU A 129 -5.67 -5.73 -8.36
N LEU A 130 -5.31 -6.91 -8.85
CA LEU A 130 -6.17 -7.58 -9.83
C LEU A 130 -7.43 -8.01 -9.10
N LYS A 131 -7.25 -8.52 -7.90
CA LYS A 131 -8.41 -8.89 -7.12
C LYS A 131 -9.32 -7.65 -6.91
N TYR A 132 -8.76 -6.48 -6.54
CA TYR A 132 -9.65 -5.39 -6.07
C TYR A 132 -10.14 -4.60 -7.27
N PHE A 133 -9.50 -4.83 -8.40
CA PHE A 133 -10.05 -4.37 -9.68
C PHE A 133 -11.39 -5.06 -9.97
N PHE A 134 -11.48 -6.39 -9.82
CA PHE A 134 -12.76 -7.08 -10.02
C PHE A 134 -13.84 -6.68 -8.99
N HIS A 135 -13.46 -6.53 -7.71
CA HIS A 135 -14.38 -5.99 -6.70
C HIS A 135 -14.86 -4.58 -7.07
N PHE A 136 -13.95 -3.78 -7.60
CA PHE A 136 -14.29 -2.45 -8.07
C PHE A 136 -15.28 -2.48 -9.21
N ILE A 137 -15.14 -3.42 -10.14
CA ILE A 137 -16.14 -3.58 -11.19
C ILE A 137 -17.45 -4.04 -10.59
N ALA A 138 -17.38 -4.98 -9.64
CA ALA A 138 -18.56 -5.44 -8.91
C ALA A 138 -19.28 -4.27 -8.23
N GLY A 139 -18.48 -3.36 -7.67
CA GLY A 139 -19.00 -2.30 -6.82
C GLY A 139 -19.88 -1.42 -7.66
N ILE A 140 -19.43 -1.15 -8.87
CA ILE A 140 -20.16 -0.38 -9.83
C ILE A 140 -21.45 -1.04 -10.27
N ILE A 141 -21.43 -2.34 -10.53
CA ILE A 141 -22.63 -2.95 -11.08
C ILE A 141 -23.57 -3.40 -9.99
N PHE A 142 -23.04 -3.79 -8.85
CA PHE A 142 -23.87 -4.51 -7.90
C PHE A 142 -24.09 -3.77 -6.59
N TRP A 143 -23.24 -2.78 -6.26
CA TRP A 143 -23.26 -2.17 -4.93
C TRP A 143 -23.58 -0.68 -4.93
N SER A 144 -23.98 -0.12 -6.06
CA SER A 144 -24.11 1.32 -6.10
C SER A 144 -25.22 1.84 -5.19
N GLN A 145 -26.23 1.03 -4.89
CA GLN A 145 -27.32 1.44 -4.00
C GLN A 145 -26.82 1.96 -2.66
N TYR A 146 -25.58 1.57 -2.29
CA TYR A 146 -24.97 1.99 -1.02
C TYR A 146 -24.01 3.18 -1.14
N ALA A 147 -23.87 3.72 -2.35
CA ALA A 147 -22.98 4.87 -2.54
C ALA A 147 -23.33 6.05 -1.60
N TRP A 148 -22.31 6.60 -0.96
CA TRP A 148 -22.46 7.73 -0.02
C TRP A 148 -23.21 8.87 -0.67
N LYS A 149 -23.88 9.66 0.16
CA LYS A 149 -24.63 10.81 -0.33
C LYS A 149 -23.72 11.70 -1.20
N GLY A 150 -24.15 11.97 -2.43
CA GLY A 150 -23.38 12.83 -3.33
C GLY A 150 -22.28 12.14 -4.13
N TRP A 151 -22.06 10.86 -3.87
CA TRP A 151 -21.06 10.09 -4.65
C TRP A 151 -21.71 9.30 -5.78
N GLY A 152 -21.21 9.47 -7.00
CA GLY A 152 -21.53 8.54 -8.08
C GLY A 152 -20.96 7.16 -7.78
N ALA A 153 -21.47 6.17 -8.50
CA ALA A 153 -21.14 4.76 -8.35
C ALA A 153 -19.66 4.44 -8.61
N VAL A 154 -19.11 4.92 -9.72
CA VAL A 154 -17.71 4.67 -10.07
C VAL A 154 -16.80 5.24 -8.97
N ALA A 155 -17.04 6.50 -8.58
CA ALA A 155 -16.24 7.14 -7.54
C ALA A 155 -16.34 6.38 -6.22
N TYR A 156 -17.59 6.18 -5.77
CA TYR A 156 -17.82 5.34 -4.62
C TYR A 156 -17.02 4.02 -4.65
N SER A 157 -17.14 3.26 -5.73
CA SER A 157 -16.52 1.93 -5.82
C SER A 157 -15.00 2.04 -5.79
N LEU A 158 -14.49 3.12 -6.34
CA LEU A 158 -13.05 3.35 -6.39
C LEU A 158 -12.50 3.54 -4.98
N ALA A 159 -13.18 4.35 -4.20
CA ALA A 159 -12.73 4.65 -2.84
C ALA A 159 -12.80 3.45 -1.95
N VAL A 160 -13.97 2.81 -1.91
CA VAL A 160 -14.15 1.62 -1.11
C VAL A 160 -13.13 0.57 -1.52
N ASN A 161 -13.10 0.22 -2.81
CA ASN A 161 -12.30 -0.96 -3.19
C ASN A 161 -10.81 -0.58 -3.44
N GLY A 162 -10.57 0.62 -3.99
CA GLY A 162 -9.20 1.16 -4.03
C GLY A 162 -8.63 1.15 -2.61
N ILE A 163 -9.40 1.57 -1.60
CA ILE A 163 -8.81 1.63 -0.26
C ILE A 163 -8.64 0.22 0.35
N SER A 164 -9.64 -0.66 0.21
CA SER A 164 -9.45 -2.05 0.63
C SER A 164 -8.23 -2.70 0.00
N GLY A 165 -8.06 -2.47 -1.29
CA GLY A 165 -6.94 -3.06 -2.00
C GLY A 165 -5.63 -2.61 -1.38
N ILE A 166 -5.51 -1.28 -1.18
CA ILE A 166 -4.29 -0.71 -0.61
C ILE A 166 -4.06 -1.26 0.79
N LEU A 167 -5.10 -1.33 1.65
CA LEU A 167 -4.86 -1.82 3.02
C LEU A 167 -4.51 -3.34 3.04
N THR A 168 -5.13 -4.09 2.12
CA THR A 168 -4.86 -5.53 1.98
C THR A 168 -3.41 -5.71 1.53
N ALA A 169 -2.98 -4.86 0.61
CA ALA A 169 -1.59 -4.96 0.13
C ALA A 169 -0.63 -4.57 1.24
N ILE A 170 -0.98 -3.57 2.04
CA ILE A 170 -0.18 -3.15 3.20
C ILE A 170 0.03 -4.34 4.13
N ALA A 171 -1.07 -5.03 4.40
CA ALA A 171 -1.08 -6.16 5.30
C ALA A 171 -0.24 -7.34 4.80
N ALA A 172 -0.42 -7.63 3.51
CA ALA A 172 0.25 -8.73 2.85
C ALA A 172 1.77 -8.46 2.79
N PHE A 173 2.16 -7.23 2.49
CA PHE A 173 3.56 -6.80 2.55
C PHE A 173 4.15 -6.99 3.91
N VAL A 174 3.50 -6.52 4.97
CA VAL A 174 4.06 -6.63 6.30
C VAL A 174 4.35 -8.10 6.55
N ILE A 175 3.36 -8.95 6.33
CA ILE A 175 3.53 -10.35 6.64
C ILE A 175 4.53 -11.08 5.71
N LEU A 176 4.44 -10.90 4.40
CA LEU A 176 5.34 -11.58 3.47
C LEU A 176 6.75 -11.04 3.61
N ILE A 177 6.90 -9.78 4.06
CA ILE A 177 8.23 -9.24 4.33
C ILE A 177 8.82 -9.97 5.51
N ILE A 178 8.05 -10.10 6.60
CA ILE A 178 8.58 -10.84 7.74
C ILE A 178 8.98 -12.26 7.32
N PHE A 179 8.17 -12.89 6.48
CA PHE A 179 8.46 -14.24 6.03
C PHE A 179 9.76 -14.31 5.17
N VAL A 180 9.93 -13.36 4.25
CA VAL A 180 11.14 -13.30 3.40
C VAL A 180 12.42 -13.19 4.23
N LYS A 181 12.33 -12.51 5.37
CA LYS A 181 13.49 -12.28 6.22
C LYS A 181 13.74 -13.41 7.20
N LYS A 182 12.66 -14.02 7.69
CA LYS A 182 12.80 -15.05 8.72
C LYS A 182 12.62 -16.47 8.16
N PHE A 183 11.90 -16.60 7.07
CA PHE A 183 11.61 -17.94 6.52
C PHE A 183 11.63 -17.91 4.98
N PRO A 184 12.76 -17.50 4.39
CA PRO A 184 12.75 -17.32 2.93
C PRO A 184 12.40 -18.60 2.15
N LYS A 185 12.63 -19.78 2.73
CA LYS A 185 12.43 -21.04 2.03
C LYS A 185 10.96 -21.38 1.84
N LEU A 186 10.07 -20.75 2.61
CA LEU A 186 8.64 -20.89 2.36
C LEU A 186 8.33 -20.61 0.88
N PHE A 187 9.15 -19.77 0.26
CA PHE A 187 8.88 -19.25 -1.07
C PHE A 187 9.54 -20.05 -2.16
N ILE A 188 10.28 -21.08 -1.76
CA ILE A 188 11.01 -21.89 -2.73
C ILE A 188 10.75 -23.36 -2.48
N HIS A 189 10.04 -23.97 -3.44
CA HIS A 189 9.71 -25.38 -3.37
C HIS A 189 10.92 -26.25 -3.67
N SER A 190 11.13 -27.24 -2.81
CA SER A 190 12.15 -28.26 -3.02
C SER A 190 11.50 -29.62 -3.14
N ASN A 191 11.85 -30.36 -4.19
CA ASN A 191 11.45 -31.77 -4.30
C ASN A 191 11.99 -32.58 -3.13
N TYR A 192 13.20 -32.24 -2.69
CA TYR A 192 13.87 -33.00 -1.63
C TYR A 192 13.52 -32.37 -0.31
N ASN B 17 4.84 30.76 17.15
CA ASN B 17 5.41 32.06 16.75
C ASN B 17 6.82 31.88 16.13
N VAL B 18 7.87 32.22 16.87
CA VAL B 18 9.22 31.85 16.48
C VAL B 18 9.32 30.34 16.62
N ARG B 19 8.63 29.81 17.63
CA ARG B 19 8.59 28.37 17.86
C ARG B 19 8.01 27.63 16.65
N LEU B 20 6.87 28.10 16.13
CA LEU B 20 6.21 27.44 15.01
C LEU B 20 7.16 27.41 13.82
N LEU B 21 7.67 28.59 13.46
CA LEU B 21 8.70 28.73 12.46
C LEU B 21 9.88 27.78 12.68
N THR B 22 10.40 27.70 13.92
CA THR B 22 11.57 26.88 14.16
C THR B 22 11.24 25.41 13.96
N GLU B 23 10.08 24.98 14.45
CA GLU B 23 9.62 23.60 14.22
C GLU B 23 9.48 23.29 12.74
N ILE B 24 8.97 24.24 11.98
CA ILE B 24 8.82 24.04 10.56
C ILE B 24 10.21 23.77 9.96
N ALA B 25 11.15 24.69 10.19
CA ALA B 25 12.48 24.60 9.62
C ALA B 25 13.17 23.27 9.95
N PHE B 26 13.21 22.97 11.23
CA PHE B 26 13.84 21.77 11.78
C PHE B 26 13.31 20.49 11.16
N MET B 27 11.99 20.35 11.05
CA MET B 27 11.43 19.10 10.55
C MET B 27 11.74 18.96 9.05
N ALA B 28 11.85 20.09 8.37
CA ALA B 28 12.30 20.11 6.98
C ALA B 28 13.77 19.68 6.88
N ALA B 29 14.60 20.20 7.78
CA ALA B 29 16.03 19.90 7.80
C ALA B 29 16.22 18.41 8.13
N LEU B 30 15.31 17.89 8.94
CA LEU B 30 15.39 16.50 9.42
C LEU B 30 14.95 15.50 8.34
N ALA B 31 13.99 15.92 7.51
CA ALA B 31 13.56 15.11 6.38
C ALA B 31 14.74 14.92 5.42
N PHE B 32 15.37 16.01 5.07
CA PHE B 32 16.52 15.99 4.18
C PHE B 32 17.63 15.12 4.73
N ILE B 33 18.01 15.39 5.97
CA ILE B 33 19.02 14.58 6.64
C ILE B 33 18.64 13.11 6.56
N ILE B 34 17.39 12.78 6.89
CA ILE B 34 16.94 11.39 6.81
C ILE B 34 17.00 10.89 5.37
N SER B 35 16.79 11.77 4.39
CA SER B 35 16.73 11.34 3.00
C SER B 35 18.07 10.77 2.52
N LEU B 36 19.18 11.14 3.19
CA LEU B 36 20.51 10.63 2.85
C LEU B 36 20.71 9.14 3.17
N ILE B 37 19.91 8.61 4.09
CA ILE B 37 19.97 7.18 4.44
C ILE B 37 19.59 6.28 3.23
N PRO B 38 20.39 5.24 2.94
CA PRO B 38 19.99 4.34 1.85
C PRO B 38 18.65 3.65 2.09
N ASN B 39 17.82 3.62 1.06
CA ASN B 39 16.42 3.26 1.22
C ASN B 39 15.82 2.59 -0.02
N THR B 40 16.69 2.07 -0.88
CA THR B 40 16.31 1.46 -2.14
C THR B 40 16.07 -0.06 -1.97
N VAL B 41 14.86 -0.54 -2.21
CA VAL B 41 14.68 -1.98 -2.36
C VAL B 41 15.29 -2.40 -3.71
N TYR B 42 14.86 -1.72 -4.75
CA TYR B 42 15.12 -2.16 -6.09
C TYR B 42 14.77 -1.04 -7.05
N GLY B 43 15.77 -0.58 -7.77
CA GLY B 43 15.63 0.56 -8.66
C GLY B 43 14.95 1.71 -7.95
N TRP B 44 13.91 2.25 -8.57
CA TRP B 44 13.16 3.33 -7.93
C TRP B 44 12.06 2.83 -7.00
N ILE B 45 12.14 1.58 -6.57
CA ILE B 45 11.27 1.14 -5.48
C ILE B 45 12.00 1.48 -4.17
N ILE B 46 11.45 2.42 -3.42
CA ILE B 46 12.12 2.96 -2.24
C ILE B 46 11.20 2.94 -1.00
N VAL B 47 11.80 3.06 0.17
CA VAL B 47 11.06 3.21 1.42
C VAL B 47 11.33 4.65 1.88
N GLU B 48 10.40 5.57 1.70
CA GLU B 48 10.79 6.98 1.87
C GLU B 48 10.50 7.48 3.29
N ILE B 49 11.36 7.06 4.21
CA ILE B 49 11.26 7.44 5.61
C ILE B 49 11.40 8.96 5.88
N ALA B 50 11.98 9.69 4.92
CA ALA B 50 12.16 11.14 5.05
C ALA B 50 10.80 11.85 5.08
N CYS B 51 9.75 11.15 4.72
CA CYS B 51 8.43 11.74 4.73
C CYS B 51 8.02 11.95 6.17
N ILE B 52 8.63 11.20 7.06
CA ILE B 52 8.05 11.08 8.37
C ILE B 52 8.14 12.41 9.14
N PRO B 53 9.26 13.13 9.04
CA PRO B 53 9.25 14.41 9.79
C PRO B 53 8.18 15.41 9.28
N ILE B 54 7.88 15.41 7.98
CA ILE B 54 6.87 16.28 7.45
C ILE B 54 5.45 15.84 7.90
N LEU B 55 5.21 14.55 8.01
CA LEU B 55 3.91 14.08 8.50
C LEU B 55 3.70 14.51 9.94
N LEU B 56 4.74 14.35 10.74
CA LEU B 56 4.64 14.68 12.14
C LEU B 56 4.37 16.16 12.29
N LEU B 57 5.05 17.00 11.50
CA LEU B 57 4.87 18.46 11.60
C LEU B 57 3.44 18.81 11.22
N SER B 58 2.92 18.14 10.20
CA SER B 58 1.57 18.39 9.71
C SER B 58 0.52 18.00 10.75
N LEU B 59 0.68 16.84 11.36
CA LEU B 59 -0.31 16.35 12.33
C LEU B 59 -0.30 17.22 13.58
N ARG B 60 0.91 17.61 13.97
CA ARG B 60 1.11 18.46 15.13
C ARG B 60 0.54 19.86 14.88
N ARG B 61 0.94 20.48 13.78
CA ARG B 61 0.76 21.93 13.61
C ARG B 61 -0.22 22.27 12.50
N GLY B 62 -0.63 21.26 11.74
CA GLY B 62 -1.71 21.45 10.79
C GLY B 62 -1.29 21.69 9.35
N LEU B 63 -2.31 21.88 8.52
CA LEU B 63 -2.17 21.93 7.06
C LEU B 63 -1.05 22.83 6.57
N THR B 64 -1.17 24.11 6.90
CA THR B 64 -0.28 25.10 6.35
C THR B 64 1.17 24.85 6.78
N ALA B 65 1.39 24.54 8.06
CA ALA B 65 2.74 24.30 8.56
C ALA B 65 3.39 23.15 7.77
N GLY B 66 2.55 22.19 7.41
CA GLY B 66 3.00 20.99 6.73
C GLY B 66 3.30 21.26 5.27
N LEU B 67 2.44 22.04 4.61
CA LEU B 67 2.70 22.44 3.25
C LEU B 67 4.05 23.14 3.17
N VAL B 68 4.30 24.05 4.09
CA VAL B 68 5.48 24.89 4.04
C VAL B 68 6.68 24.02 4.36
N GLY B 69 6.53 23.12 5.32
CA GLY B 69 7.62 22.22 5.66
C GLY B 69 8.01 21.36 4.45
N GLY B 70 7.01 20.88 3.74
CA GLY B 70 7.26 20.06 2.57
C GLY B 70 7.98 20.85 1.49
N LEU B 71 7.55 22.09 1.28
CA LEU B 71 8.19 22.99 0.35
C LEU B 71 9.68 23.14 0.69
N ILE B 72 9.97 23.42 1.94
CA ILE B 72 11.37 23.65 2.32
C ILE B 72 12.19 22.38 2.05
N TRP B 73 11.64 21.22 2.41
CA TRP B 73 12.30 19.94 2.18
C TRP B 73 12.74 19.80 0.73
N GLY B 74 11.73 19.92 -0.12
CA GLY B 74 11.91 19.80 -1.55
C GLY B 74 12.97 20.73 -2.08
N ILE B 75 12.96 21.97 -1.61
CA ILE B 75 13.97 22.92 -2.06
C ILE B 75 15.35 22.45 -1.59
N LEU B 76 15.44 22.02 -0.33
CA LEU B 76 16.72 21.57 0.21
C LEU B 76 17.28 20.48 -0.66
N SER B 77 16.40 19.55 -1.08
CA SER B 77 16.82 18.46 -1.96
C SER B 77 17.33 18.93 -3.30
N MET B 78 16.69 19.93 -3.89
CA MET B 78 17.16 20.42 -5.17
C MET B 78 18.46 21.21 -5.05
N ILE B 79 18.56 22.11 -4.08
CA ILE B 79 19.71 23.06 -4.09
C ILE B 79 21.01 22.39 -3.67
N THR B 80 20.90 21.28 -2.96
CA THR B 80 22.07 20.53 -2.53
C THR B 80 22.46 19.47 -3.54
N GLY B 81 21.85 19.51 -4.72
CA GLY B 81 22.10 18.52 -5.73
C GLY B 81 21.59 17.11 -5.40
N HIS B 82 20.61 16.96 -4.50
CA HIS B 82 20.24 15.60 -4.07
C HIS B 82 19.01 15.08 -4.77
N ALA B 83 18.38 15.95 -5.55
CA ALA B 83 17.20 15.62 -6.31
C ALA B 83 17.57 15.02 -7.69
N TYR B 84 16.85 13.99 -8.09
CA TYR B 84 17.03 13.40 -9.42
C TYR B 84 16.18 14.21 -10.42
N ILE B 85 16.81 15.17 -11.09
CA ILE B 85 16.10 16.15 -11.92
C ILE B 85 16.27 15.81 -13.43
N LEU B 86 15.15 15.73 -14.13
CA LEU B 86 15.14 15.42 -15.56
C LEU B 86 14.63 16.59 -16.37
N SER B 87 13.83 17.44 -15.73
CA SER B 87 13.41 18.70 -16.32
C SER B 87 12.75 19.63 -15.29
N LEU B 88 12.57 20.89 -15.68
CA LEU B 88 11.86 21.89 -14.87
C LEU B 88 10.50 21.38 -14.42
N SER B 89 9.70 20.94 -15.38
CA SER B 89 8.34 20.51 -15.08
C SER B 89 8.35 19.28 -14.17
N GLN B 90 9.35 18.41 -14.36
CA GLN B 90 9.43 17.16 -13.60
C GLN B 90 9.88 17.45 -12.17
N ALA B 91 10.91 18.28 -12.07
CA ALA B 91 11.36 18.86 -10.82
C ALA B 91 10.20 19.51 -10.03
N PHE B 92 9.44 20.38 -10.69
CA PHE B 92 8.27 21.00 -10.08
C PHE B 92 7.35 19.93 -9.55
N LEU B 93 7.10 18.89 -10.36
CA LEU B 93 6.11 17.92 -9.89
C LEU B 93 6.65 17.11 -8.74
N GLU B 94 7.91 16.66 -8.80
CA GLU B 94 8.36 15.62 -7.87
C GLU B 94 9.05 16.14 -6.61
N TYR B 95 9.49 17.40 -6.63
CA TYR B 95 10.30 17.91 -5.56
C TYR B 95 9.73 19.24 -5.05
N LEU B 96 8.67 19.73 -5.68
CA LEU B 96 7.89 20.82 -5.09
C LEU B 96 6.50 20.28 -4.72
N VAL B 97 5.68 20.00 -5.71
CA VAL B 97 4.32 19.54 -5.47
C VAL B 97 4.25 18.33 -4.60
N ALA B 98 5.02 17.29 -4.91
CA ALA B 98 4.86 16.02 -4.20
C ALA B 98 5.17 16.16 -2.70
N PRO B 99 6.26 16.83 -2.34
CA PRO B 99 6.54 16.83 -0.90
C PRO B 99 5.63 17.81 -0.13
N VAL B 100 5.29 18.93 -0.77
CA VAL B 100 4.25 19.83 -0.27
C VAL B 100 2.97 19.04 0.03
N SER B 101 2.63 18.06 -0.79
CA SER B 101 1.29 17.44 -0.68
C SER B 101 1.16 16.63 0.60
N LEU B 102 2.30 16.33 1.24
CA LEU B 102 2.34 15.69 2.53
C LEU B 102 1.58 16.49 3.58
N GLY B 103 1.51 17.80 3.40
CA GLY B 103 0.80 18.67 4.30
C GLY B 103 -0.66 18.30 4.49
N ILE B 104 -1.24 17.56 3.56
CA ILE B 104 -2.65 17.22 3.65
C ILE B 104 -2.96 16.46 4.95
N ALA B 105 -1.96 15.78 5.52
CA ALA B 105 -2.11 15.09 6.80
C ALA B 105 -2.58 16.05 7.92
N GLY B 106 -2.36 17.34 7.70
CA GLY B 106 -2.66 18.34 8.68
C GLY B 106 -4.15 18.47 8.95
N LEU B 107 -4.96 18.09 7.96
CA LEU B 107 -6.41 18.03 8.13
C LEU B 107 -6.83 17.11 9.26
N PHE B 108 -5.91 16.27 9.73
CA PHE B 108 -6.22 15.27 10.74
C PHE B 108 -5.53 15.63 12.04
N ARG B 109 -5.02 16.85 12.11
CA ARG B 109 -4.42 17.35 13.35
C ARG B 109 -5.43 17.20 14.48
N GLN B 110 -4.98 16.69 15.61
CA GLN B 110 -5.82 16.61 16.80
C GLN B 110 -5.44 17.78 17.72
N LYS B 111 -6.42 18.59 18.09
CA LYS B 111 -6.14 19.79 18.89
C LYS B 111 -6.30 19.53 20.37
N THR B 112 -7.11 18.54 20.73
CA THR B 112 -7.41 18.34 22.13
C THR B 112 -7.33 16.88 22.55
N ALA B 113 -7.25 16.68 23.86
CA ALA B 113 -7.13 15.36 24.46
C ALA B 113 -8.47 14.62 24.45
N PRO B 114 -8.42 13.29 24.45
CA PRO B 114 -7.22 12.48 24.47
C PRO B 114 -6.68 12.25 23.06
N LEU B 115 -5.39 12.02 22.95
CA LEU B 115 -4.79 11.76 21.66
C LEU B 115 -5.21 10.40 21.16
N LYS B 116 -5.78 10.33 19.95
CA LYS B 116 -6.13 9.07 19.32
C LYS B 116 -5.14 8.68 18.24
N LEU B 117 -5.12 7.39 17.96
CA LEU B 117 -4.23 6.81 16.96
C LEU B 117 -4.82 6.90 15.54
N ALA B 118 -6.12 6.67 15.40
CA ALA B 118 -6.67 6.51 14.07
C ALA B 118 -6.45 7.76 13.21
N PRO B 119 -6.68 8.97 13.77
CA PRO B 119 -6.43 10.15 12.95
C PRO B 119 -5.02 10.18 12.42
N VAL B 120 -4.06 9.85 13.27
CA VAL B 120 -2.65 9.77 12.88
C VAL B 120 -2.46 8.85 11.67
N LEU B 121 -3.11 7.69 11.70
CA LEU B 121 -2.90 6.72 10.67
C LEU B 121 -3.65 7.16 9.43
N LEU B 122 -4.83 7.75 9.60
CA LEU B 122 -5.59 8.21 8.44
C LEU B 122 -4.83 9.31 7.68
N GLY B 123 -4.26 10.27 8.42
CA GLY B 123 -3.56 11.40 7.82
C GLY B 123 -2.33 10.92 7.03
N THR B 124 -1.65 9.93 7.59
CA THR B 124 -0.45 9.38 7.00
C THR B 124 -0.86 8.68 5.71
N PHE B 125 -1.94 7.89 5.78
CA PHE B 125 -2.41 7.12 4.65
C PHE B 125 -2.67 8.03 3.44
N VAL B 126 -3.50 9.02 3.71
CA VAL B 126 -3.93 9.99 2.72
C VAL B 126 -2.76 10.78 2.16
N ALA B 127 -1.89 11.27 3.05
CA ALA B 127 -0.74 12.07 2.60
C ALA B 127 0.31 11.25 1.77
N VAL B 128 0.61 10.03 2.18
CA VAL B 128 1.54 9.18 1.40
C VAL B 128 0.91 8.81 0.05
N LEU B 129 -0.37 8.47 0.07
CA LEU B 129 -1.12 8.18 -1.15
C LEU B 129 -1.05 9.35 -2.12
N LEU B 130 -1.29 10.55 -1.59
CA LEU B 130 -1.36 11.69 -2.50
C LEU B 130 0.05 12.00 -3.04
N LYS B 131 1.05 11.82 -2.20
CA LYS B 131 2.39 12.08 -2.63
C LYS B 131 2.77 11.09 -3.74
N TYR B 132 2.51 9.81 -3.51
CA TYR B 132 2.96 8.83 -4.47
C TYR B 132 2.00 8.86 -5.67
N PHE B 133 0.82 9.45 -5.51
CA PHE B 133 0.01 9.75 -6.69
C PHE B 133 0.74 10.70 -7.65
N PHE B 134 1.36 11.77 -7.15
CA PHE B 134 2.04 12.70 -8.03
C PHE B 134 3.26 12.02 -8.65
N HIS B 135 3.94 11.17 -7.89
CA HIS B 135 5.08 10.38 -8.43
C HIS B 135 4.66 9.38 -9.55
N PHE B 136 3.52 8.72 -9.34
CA PHE B 136 2.90 7.88 -10.35
C PHE B 136 2.69 8.66 -11.65
N ILE B 137 2.06 9.82 -11.55
CA ILE B 137 1.81 10.65 -12.72
C ILE B 137 3.13 11.02 -13.40
N ALA B 138 4.11 11.44 -12.60
CA ALA B 138 5.44 11.77 -13.09
C ALA B 138 6.10 10.55 -13.75
N GLY B 139 5.87 9.39 -13.18
CA GLY B 139 6.40 8.13 -13.69
C GLY B 139 5.94 7.91 -15.12
N ILE B 140 4.65 8.11 -15.36
CA ILE B 140 4.06 8.02 -16.71
C ILE B 140 4.71 9.01 -17.68
N ILE B 141 4.79 10.26 -17.29
CA ILE B 141 5.29 11.27 -18.20
C ILE B 141 6.80 11.22 -18.43
N PHE B 142 7.59 10.88 -17.42
CA PHE B 142 9.00 11.27 -17.43
C PHE B 142 9.97 10.11 -17.27
N TRP B 143 9.47 8.94 -16.94
CA TRP B 143 10.35 7.87 -16.52
C TRP B 143 10.11 6.60 -17.30
N SER B 144 9.27 6.66 -18.34
CA SER B 144 8.84 5.44 -19.02
C SER B 144 9.97 4.76 -19.80
N GLN B 145 11.02 5.53 -20.13
N GLN B 145 11.03 5.50 -20.12
CA GLN B 145 12.17 4.99 -20.85
CA GLN B 145 12.15 4.93 -20.86
C GLN B 145 12.84 3.83 -20.09
C GLN B 145 12.78 3.76 -20.11
N TYR B 146 12.51 3.69 -18.81
CA TYR B 146 13.06 2.64 -17.94
C TYR B 146 12.09 1.49 -17.65
N ALA B 147 10.94 1.47 -18.31
CA ALA B 147 9.92 0.47 -18.03
C ALA B 147 10.45 -0.96 -18.28
N TRP B 148 10.11 -1.86 -17.37
CA TRP B 148 10.47 -3.26 -17.53
C TRP B 148 9.98 -3.80 -18.84
N LYS B 149 10.68 -4.82 -19.32
CA LYS B 149 10.40 -5.45 -20.57
C LYS B 149 8.96 -5.89 -20.61
N GLY B 150 8.24 -5.44 -21.63
CA GLY B 150 6.86 -5.81 -21.80
C GLY B 150 5.87 -4.91 -21.08
N TRP B 151 6.32 -3.99 -20.22
CA TRP B 151 5.38 -3.15 -19.48
C TRP B 151 5.15 -1.78 -20.12
N GLY B 152 3.91 -1.31 -20.08
CA GLY B 152 3.54 0.03 -20.55
C GLY B 152 3.90 1.10 -19.54
N ALA B 153 3.74 2.36 -19.92
CA ALA B 153 4.11 3.49 -19.07
C ALA B 153 3.28 3.53 -17.76
N VAL B 154 1.97 3.48 -17.90
CA VAL B 154 1.07 3.45 -16.74
C VAL B 154 1.37 2.30 -15.79
N ALA B 155 1.36 1.09 -16.33
CA ALA B 155 1.54 -0.11 -15.52
C ALA B 155 2.89 -0.09 -14.81
N TYR B 156 3.90 0.36 -15.53
CA TYR B 156 5.22 0.41 -14.96
C TYR B 156 5.26 1.39 -13.80
N SER B 157 4.79 2.60 -14.03
CA SER B 157 4.83 3.61 -12.99
C SER B 157 3.88 3.19 -11.82
N LEU B 158 2.75 2.59 -12.16
CA LEU B 158 1.82 2.16 -11.13
C LEU B 158 2.51 1.18 -10.23
N ALA B 159 3.25 0.25 -10.81
CA ALA B 159 3.94 -0.72 -9.99
C ALA B 159 5.04 -0.12 -9.13
N VAL B 160 5.92 0.66 -9.76
CA VAL B 160 7.03 1.22 -9.04
C VAL B 160 6.52 2.14 -7.90
N ASN B 161 5.68 3.10 -8.23
CA ASN B 161 5.32 4.13 -7.24
C ASN B 161 4.29 3.56 -6.25
N GLY B 162 3.50 2.61 -6.74
CA GLY B 162 2.57 1.88 -5.89
C GLY B 162 3.31 1.12 -4.82
N ILE B 163 4.33 0.36 -5.20
CA ILE B 163 5.06 -0.42 -4.21
C ILE B 163 5.78 0.54 -3.28
N SER B 164 6.39 1.58 -3.82
CA SER B 164 7.09 2.53 -2.98
C SER B 164 6.12 3.17 -1.95
N GLY B 165 4.96 3.56 -2.43
CA GLY B 165 3.96 4.23 -1.59
C GLY B 165 3.56 3.36 -0.41
N ILE B 166 3.41 2.06 -0.68
CA ILE B 166 2.93 1.12 0.32
C ILE B 166 4.02 0.92 1.36
N LEU B 167 5.24 0.78 0.88
CA LEU B 167 6.35 0.59 1.79
C LEU B 167 6.59 1.84 2.61
N THR B 168 6.49 3.00 1.97
CA THR B 168 6.66 4.29 2.67
C THR B 168 5.56 4.38 3.76
N ALA B 169 4.36 3.89 3.46
CA ALA B 169 3.25 3.99 4.42
C ALA B 169 3.49 3.06 5.59
N ILE B 170 3.96 1.86 5.30
CA ILE B 170 4.32 0.92 6.34
C ILE B 170 5.34 1.52 7.28
N ALA B 171 6.42 2.04 6.71
CA ALA B 171 7.47 2.65 7.56
C ALA B 171 6.88 3.78 8.44
N ALA B 172 6.05 4.64 7.85
CA ALA B 172 5.46 5.76 8.58
C ALA B 172 4.50 5.25 9.66
N PHE B 173 3.67 4.27 9.28
CA PHE B 173 2.82 3.64 10.25
C PHE B 173 3.62 3.16 11.45
N VAL B 174 4.64 2.33 11.24
CA VAL B 174 5.40 1.76 12.34
C VAL B 174 6.00 2.84 13.21
N ILE B 175 6.75 3.73 12.58
CA ILE B 175 7.43 4.79 13.31
C ILE B 175 6.45 5.64 14.13
N LEU B 176 5.37 6.09 13.50
CA LEU B 176 4.41 6.96 14.19
C LEU B 176 3.62 6.22 15.26
N ILE B 177 3.47 4.90 15.13
CA ILE B 177 2.80 4.15 16.19
C ILE B 177 3.69 4.12 17.43
N ILE B 178 5.00 3.96 17.19
CA ILE B 178 5.97 4.00 18.29
C ILE B 178 5.90 5.38 18.99
N PHE B 179 5.87 6.45 18.19
CA PHE B 179 5.84 7.80 18.73
C PHE B 179 4.51 8.12 19.44
N VAL B 180 3.40 7.57 18.99
CA VAL B 180 2.13 7.82 19.64
C VAL B 180 2.17 7.31 21.09
N LYS B 181 2.87 6.20 21.31
CA LYS B 181 2.86 5.51 22.58
C LYS B 181 3.95 6.01 23.51
N LYS B 182 5.11 6.35 22.96
CA LYS B 182 6.26 6.75 23.76
C LYS B 182 6.44 8.27 23.80
N PHE B 183 5.86 9.00 22.85
CA PHE B 183 5.92 10.45 22.85
C PHE B 183 4.59 11.09 22.46
N PRO B 184 3.50 10.68 23.12
CA PRO B 184 2.14 11.14 22.77
C PRO B 184 1.99 12.67 22.68
N LYS B 185 2.61 13.47 23.54
CA LYS B 185 2.41 14.92 23.43
C LYS B 185 3.13 15.57 22.25
N LEU B 186 3.90 14.79 21.46
CA LEU B 186 4.45 15.33 20.20
C LEU B 186 3.34 15.75 19.26
N PHE B 187 2.20 15.07 19.36
CA PHE B 187 1.15 15.21 18.33
C PHE B 187 0.14 16.33 18.68
N ILE B 188 0.10 16.76 19.93
CA ILE B 188 -0.81 17.84 20.34
C ILE B 188 -0.01 19.05 20.80
N HIS B 189 -0.07 20.11 20.01
CA HIS B 189 0.52 21.39 20.39
C HIS B 189 -0.28 22.07 21.48
N SER B 190 0.42 22.50 22.52
CA SER B 190 -0.15 23.34 23.54
C SER B 190 0.71 24.58 23.67
N ASN B 191 0.07 25.73 23.80
CA ASN B 191 0.68 26.88 24.46
C ASN B 191 0.85 26.49 25.94
N TYR B 192 1.55 27.30 26.73
CA TYR B 192 1.93 26.93 28.09
C TYR B 192 3.02 25.85 28.01
CM2 2VY C . -18.79 -0.79 -2.98
N4A 2VY C . -17.22 -5.07 -4.51
CM4 2VY C . -17.43 -9.29 -1.68
O1 2VY C . -14.97 -10.53 -0.45
C6 2VY C . -14.22 -9.45 -0.91
C2 2VY C . -15.85 -5.80 -1.57
S1 2VY C . -14.46 -6.70 -1.16
C5 2VY C . -15.08 -8.24 -1.19
C4 2VY C . -16.45 -8.11 -1.52
C3 2VY C . -16.89 -6.76 -1.72
C7A 2VY C . -18.34 -6.44 -2.09
C4A 2VY C . -17.88 -4.34 -3.51
N3A 2VY C . -18.03 -3.02 -3.66
C2A 2VY C . -18.67 -2.28 -2.75
N1A 2VY C . -19.19 -2.81 -1.67
C6A 2VY C . -19.13 -4.12 -1.42
C5A 2VY C . -18.44 -4.94 -2.35
C5 PG0 D . -8.28 -27.93 -12.40
O2 PG0 D . -8.75 -28.17 -11.09
C4 PG0 D . -10.05 -27.68 -10.82
C3 PG0 D . -10.39 -27.79 -9.35
O1 PG0 D . -11.39 -28.77 -9.15
C2 PG0 D . -12.57 -28.32 -8.52
C1 PG0 D . -13.30 -29.47 -7.87
OTT PG0 D . -13.76 -29.09 -6.59
C5 PG0 E . -10.34 4.44 -12.31
O2 PG0 E . -10.01 3.07 -12.36
C4 PG0 E . -9.26 2.60 -11.26
C3 PG0 E . -9.08 1.10 -11.37
O1 PG0 E . -9.30 0.48 -10.12
C2 PG0 E . -8.14 0.17 -9.39
C1 PG0 E . -8.40 -1.08 -8.58
OTT PG0 E . -8.93 -0.74 -7.33
C1 BNG F . -28.09 -18.97 -1.68
C2 BNG F . -28.39 -17.49 -1.72
C3 BNG F . -29.56 -17.22 -0.80
C4 BNG F . -30.70 -18.16 -1.08
C5 BNG F . -30.24 -19.59 -1.34
C6 BNG F . -31.38 -20.36 -1.96
C1' BNG F . -25.80 -19.67 -1.63
C2' BNG F . -25.48 -21.15 -1.84
C3' BNG F . -23.90 -21.35 -1.96
C4' BNG F . -23.49 -21.48 -3.44
C5' BNG F . -22.37 -22.55 -3.55
C6' BNG F . -22.13 -22.98 -5.01
C7' BNG F . -20.64 -22.77 -5.35
C8' BNG F . -20.00 -24.06 -5.83
C9' BNG F . -19.36 -23.82 -7.19
O1 BNG F . -26.92 -19.26 -2.44
O2 BNG F . -27.27 -16.76 -1.30
O3 BNG F . -30.03 -15.89 -0.94
O4 BNG F . -31.54 -18.18 0.03
O5 BNG F . -29.16 -19.64 -2.25
O6 BNG F . -31.87 -19.68 -3.10
C1 BNG G . -29.86 -14.93 -5.52
C2 BNG G . -30.24 -13.71 -4.70
C3 BNG G . -31.58 -13.27 -5.24
C4 BNG G . -31.38 -12.94 -6.71
C5 BNG G . -30.80 -14.14 -7.44
C6 BNG G . -30.49 -13.75 -8.86
C1' BNG G . -28.34 -16.63 -5.85
C2' BNG G . -27.16 -17.39 -5.24
C3' BNG G . -26.35 -18.09 -6.43
C4' BNG G . -25.28 -18.97 -5.76
C5' BNG G . -24.50 -19.77 -6.84
C6' BNG G . -23.31 -18.90 -7.33
C7' BNG G . -22.26 -19.74 -8.08
C8' BNG G . -21.07 -18.83 -8.36
C9' BNG G . -20.90 -18.68 -9.86
O1 BNG G . -28.70 -15.53 -5.00
O2 BNG G . -30.34 -14.05 -3.36
O3 BNG G . -32.02 -12.14 -4.53
O4 BNG G . -32.60 -12.57 -7.28
O5 BNG G . -29.60 -14.55 -6.84
O6 BNG G . -29.31 -14.41 -9.34
C1 BNG H . -13.63 11.77 -8.25
C2 BNG H . -14.70 11.51 -9.32
C3 BNG H . -15.38 12.79 -9.75
C4 BNG H . -15.82 13.57 -8.54
C5 BNG H . -14.59 13.76 -7.69
C6 BNG H . -14.91 14.71 -6.55
C1' BNG H . -12.75 10.43 -6.38
C2' BNG H . -12.27 8.99 -6.10
C3' BNG H . -11.61 8.76 -4.65
C4' BNG H . -10.21 8.10 -4.81
C5' BNG H . -9.90 6.92 -3.86
C6' BNG H . -8.35 6.76 -3.75
C7' BNG H . -7.82 5.30 -3.92
C8' BNG H . -7.76 4.93 -5.42
C9' BNG H . -6.67 3.91 -5.74
O1 BNG H . -13.12 10.51 -7.78
O2 BNG H . -14.09 10.90 -10.41
O3 BNG H . -16.47 12.60 -10.63
O4 BNG H . -16.32 14.80 -8.97
O5 BNG H . -14.17 12.51 -7.20
O6 BNG H . -14.96 16.04 -7.03
C1 PEG I . -24.73 -12.79 5.07
O1 PEG I . -24.22 -13.19 3.88
C2 PEG I . -23.61 -12.86 6.07
O2 PEG I . -22.94 -14.10 5.93
C3 PEG I . -21.86 -14.26 6.84
C4 PEG I . -20.71 -13.39 6.37
O4 PEG I . -19.63 -13.50 7.26
C1 PEG J . -6.34 -24.02 -15.06
O1 PEG J . -6.08 -23.23 -16.13
C2 PEG J . -6.88 -23.18 -13.94
O2 PEG J . -7.34 -24.01 -12.89
C3 PEG J . -8.20 -23.33 -11.95
C4 PEG J . -9.15 -22.48 -12.76
O4 PEG J . -9.92 -21.74 -11.85
C1 PEG K . 9.04 -5.59 7.86
O1 PEG K . 9.37 -5.93 9.14
C2 PEG K . 7.66 -5.00 7.79
O2 PEG K . 7.49 -4.18 8.92
C3 PEG K . 6.74 -4.77 10.01
C4 PEG K . 7.13 -4.14 11.34
O4 PEG K . 6.06 -4.20 12.26
C1 PEG L . 18.21 -7.41 5.97
O1 PEG L . 17.76 -6.52 5.05
C2 PEG L . 17.07 -7.87 6.86
O2 PEG L . 17.64 -8.48 8.01
C3 PEG L . 16.73 -9.19 8.86
C4 PEG L . 16.88 -10.66 8.57
O4 PEG L . 16.81 -10.82 7.18
C1 PEG M . 1.34 -27.06 -12.85
O1 PEG M . 2.00 -26.08 -13.50
C2 PEG M . 1.23 -26.67 -11.40
O2 PEG M . 0.49 -27.62 -10.68
C3 PEG M . -0.90 -27.72 -11.00
C4 PEG M . -1.59 -28.59 -9.97
O4 PEG M . -2.97 -28.40 -9.99
C1 PEG N . -11.76 -26.18 7.80
O1 PEG N . -11.76 -26.29 6.45
C2 PEG N . -12.36 -24.84 8.14
O2 PEG N . -13.14 -24.96 9.31
C3 PEG N . -14.55 -24.96 9.03
C4 PEG N . -15.19 -24.01 10.02
O4 PEG N . -14.17 -23.13 10.41
C1 PEG O . 5.11 -12.75 11.82
O1 PEG O . 3.85 -13.17 11.59
C2 PEG O . 6.07 -13.87 11.55
O2 PEG O . 6.13 -14.75 12.66
C3 PEG O . 7.29 -14.56 13.49
C4 PEG O . 7.10 -15.40 14.74
O4 PEG O . 6.48 -16.60 14.37
C1 PEG P . 4.75 -20.22 9.59
O1 PEG P . 6.05 -20.57 9.76
C2 PEG P . 4.52 -18.86 10.20
O2 PEG P . 3.45 -18.95 11.12
C3 PEG P . 3.31 -17.82 12.01
C4 PEG P . 4.03 -18.11 13.30
O4 PEG P . 5.21 -18.81 13.03
C1 PEG Q . -15.83 -7.36 6.10
O1 PEG Q . -15.20 -8.43 5.58
C2 PEG Q . -17.30 -7.61 6.10
O2 PEG Q . -17.81 -6.91 4.99
C3 PEG Q . -19.20 -6.53 5.03
C4 PEG Q . -19.03 -5.12 5.50
O4 PEG Q . -17.62 -5.05 5.58
C1 PEG R . 13.32 -10.83 15.50
O1 PEG R . 12.66 -11.13 16.65
C2 PEG R . 13.02 -11.86 14.45
O2 PEG R . 13.67 -13.09 14.72
C3 PEG R . 12.92 -13.94 15.59
C4 PEG R . 11.46 -13.88 15.21
O4 PEG R . 10.66 -14.24 16.31
O1 PG4 S . -9.33 -16.54 -13.77
C1 PG4 S . -10.04 -15.37 -13.62
C2 PG4 S . -9.23 -14.43 -12.74
O2 PG4 S . -7.90 -14.83 -12.82
C3 PG4 S . -7.26 -14.45 -13.99
C4 PG4 S . -5.89 -13.81 -13.61
O3 PG4 S . -4.99 -14.81 -13.27
C5 PG4 S . -3.87 -14.83 -14.19
C6 PG4 S . -4.48 -14.91 -15.58
O4 PG4 S . -3.45 -14.69 -16.56
C7 PG4 S . -2.66 -15.84 -16.85
C8 PG4 S . -1.66 -15.52 -17.92
O5 PG4 S . -1.91 -14.19 -18.44
O1 PG4 T . -16.55 -30.00 -6.25
C1 PG4 T . -16.26 -29.27 -5.10
C2 PG4 T . -16.56 -30.10 -3.85
O2 PG4 T . -15.38 -30.29 -3.10
C3 PG4 T . -14.84 -29.10 -2.62
C4 PG4 T . -13.78 -29.42 -1.52
O3 PG4 T . -14.16 -28.81 -0.33
C5 PG4 T . -14.28 -29.73 0.79
C6 PG4 T . -13.01 -29.64 1.66
O4 PG4 T . -11.85 -29.55 0.81
C7 PG4 T . -10.80 -28.76 1.37
C8 PG4 T . -10.80 -28.92 2.86
O5 PG4 T . -9.89 -29.99 3.23
O1 PG4 U . -26.03 -20.50 1.49
C1 PG4 U . -26.21 -20.27 2.84
C2 PG4 U . -25.60 -21.45 3.62
O2 PG4 U . -25.55 -21.17 4.99
C3 PG4 U . -25.04 -22.22 5.75
C4 PG4 U . -24.30 -21.67 7.00
O3 PG4 U . -23.14 -22.42 7.20
C5 PG4 U . -22.43 -22.11 8.44
C6 PG4 U . -23.36 -22.37 9.63
O4 PG4 U . -22.61 -22.39 10.85
C7 PG4 U . -21.48 -23.28 10.81
C8 PG4 U . -21.20 -23.79 12.19
O5 PG4 U . -19.94 -24.51 12.18
O1 PG4 V . -18.62 8.37 -9.94
C1 PG4 V . -18.25 9.45 -10.71
C2 PG4 V . -17.93 10.64 -9.81
O2 PG4 V . -18.98 11.04 -8.95
C3 PG4 V . -18.63 10.76 -7.64
C4 PG4 V . -18.87 11.93 -6.66
O3 PG4 V . -18.10 11.65 -5.54
C5 PG4 V . -16.73 12.15 -5.68
C6 PG4 V . -16.30 12.89 -4.42
O4 PG4 V . -17.44 13.45 -3.74
C7 PG4 V . -17.03 14.24 -2.61
C8 PG4 V . -18.19 14.55 -1.72
O5 PG4 V . -17.83 14.18 -0.37
OH2 1PE W . 2.73 -20.48 6.86
C12 1PE W . 1.47 -20.57 6.23
C22 1PE W . 1.02 -19.21 5.77
OH3 1PE W . 0.64 -18.39 6.88
C13 1PE W . -0.60 -16.49 7.84
C23 1PE W . -0.26 -17.31 6.56
OH4 1PE W . -1.34 -15.30 7.47
C14 1PE W . -2.53 -13.63 8.82
C24 1PE W . -1.18 -14.15 8.38
OH5 1PE W . -2.34 -12.56 9.74
C15 1PE W . -3.00 -13.89 11.63
C25 1PE W . -3.18 -12.61 10.91
OH6 1PE W . -3.82 -13.89 12.86
C16 1PE W . -4.38 -14.83 15.02
C26 1PE W . -3.70 -15.05 13.66
OH7 1PE W . -3.60 -13.90 15.81
OH2 1PE X . -3.71 -5.73 -12.94
C12 1PE X . -3.69 -7.14 -12.96
C22 1PE X . -2.36 -7.60 -13.53
OH3 1PE X . -2.60 -8.47 -14.65
C13 1PE X . -0.16 -8.88 -14.81
C23 1PE X . -1.50 -8.60 -15.56
OH4 1PE X . 0.65 -9.75 -15.62
C14 1PE X . 2.98 -10.19 -16.17
C24 1PE X . 1.97 -10.03 -15.06
OH5 1PE X . 3.89 -11.21 -15.79
C15 1PE X . 5.96 -11.88 -14.82
C25 1PE X . 5.23 -10.79 -15.49
OH6 1PE X . 6.27 -12.95 -15.80
C16 1PE X . 8.31 -12.31 -14.74
C26 1PE X . 7.60 -13.40 -15.59
OH7 1PE X . 9.40 -12.95 -14.05
C1 PGE Y . -8.41 -5.96 11.07
O1 PGE Y . -7.38 -6.64 10.34
C2 PGE Y . -8.48 -4.49 10.70
O2 PGE Y . -9.59 -3.85 11.34
C3 PGE Y . -9.25 -3.06 12.47
C4 PGE Y . -9.78 -1.63 12.31
O4 PGE Y . -13.13 -1.17 14.25
C6 PGE Y . -12.64 0.09 13.83
C5 PGE Y . -11.19 -0.06 13.41
O3 PGE Y . -10.95 -1.41 13.09
O1 P6G Z . -31.45 -9.20 5.11
C2 P6G Z . -30.10 -9.48 5.38
C3 P6G Z . -29.33 -9.69 4.08
O4 P6G Z . -28.02 -10.17 4.44
C5 P6G Z . -26.95 -9.84 3.55
C6 P6G Z . -25.78 -9.18 4.34
O7 P6G Z . -26.15 -9.03 5.70
C8 P6G Z . -25.55 -7.93 6.39
C9 P6G Z . -24.26 -7.47 5.67
O10 P6G Z . -23.19 -7.48 6.64
C11 P6G Z . -21.97 -6.87 6.22
C12 P6G Z . -20.92 -6.93 7.36
O13 P6G Z . -21.25 -5.88 8.28
C14 P6G Z . -22.25 -4.96 7.78
C15 P6G Z . -22.42 -3.82 8.83
O16 P6G Z . -23.76 -3.31 8.82
C17 P6G Z . -24.01 -2.37 9.87
C18 P6G Z . -25.22 -1.51 9.53
O19 P6G Z . -24.80 -0.22 9.29
CM2 2VY AA . 8.80 4.96 -12.62
N4A 2VY AA . 8.08 9.11 -10.19
CM4 2VY AA . 11.82 11.43 -7.57
O1 2VY AA . 11.50 11.95 -4.76
C6 2VY AA . 10.84 10.73 -4.50
C2 2VY AA . 9.81 8.18 -7.50
S1 2VY AA . 9.71 8.48 -5.81
C5 2VY AA . 10.57 9.94 -5.77
C4 2VY AA . 10.98 10.23 -7.11
C3 2VY AA . 10.57 9.23 -8.08
C7A 2VY AA . 10.92 9.36 -9.57
C4A 2VY AA . 8.99 8.11 -10.65
N3A 2VY AA . 8.55 7.06 -11.36
C2A 2VY AA . 9.37 6.11 -11.84
N1A 2VY AA . 10.67 6.15 -11.63
C6A 2VY AA . 11.22 7.17 -10.88
C5A 2VY AA . 10.37 8.20 -10.39
C5 PG0 BA . 16.31 22.31 -14.01
O2 PG0 BA . 15.93 22.55 -12.67
C4 PG0 BA . 15.45 23.86 -12.46
C3 PG0 BA . 14.90 24.02 -11.05
O1 PG0 BA . 13.53 23.68 -11.04
C2 PG0 BA . 12.89 23.96 -9.82
C1 PG0 BA . 11.49 24.46 -10.10
OTT PG0 BA . 10.56 23.44 -9.81
C1 BNG CA . -13.23 9.49 11.68
C2 BNG CA . -13.51 9.67 13.17
C3 BNG CA . -13.71 11.14 13.47
C4 BNG CA . -12.46 11.84 12.98
C5 BNG CA . -12.21 11.52 11.50
C6 BNG CA . -10.89 12.14 11.07
C1' BNG CA . -13.01 7.66 10.09
C2' BNG CA . -12.99 6.11 10.09
C3' BNG CA . -12.20 5.57 8.82
C4' BNG CA . -12.98 5.85 7.52
C5' BNG CA . -12.09 5.52 6.30
C6' BNG CA . -11.60 4.07 6.43
C7' BNG CA . -10.05 4.04 6.54
C8' BNG CA . -9.41 4.80 5.39
C9' BNG CA . -7.91 4.52 5.44
O1 BNG CA . -13.04 8.11 11.47
O2 BNG CA . -14.62 8.91 13.56
O3 BNG CA . -13.83 11.31 14.86
O4 BNG CA . -12.56 13.23 13.21
O5 BNG CA . -12.05 10.14 11.35
O6 BNG CA . -9.92 11.78 12.05
C1 BNG DA . -10.87 16.51 11.72
C2 BNG DA . -11.87 17.13 12.68
C3 BNG DA . -11.33 17.25 14.10
C4 BNG DA . -10.54 16.01 14.47
C5 BNG DA . -9.59 15.65 13.33
C6 BNG DA . -8.84 14.40 13.68
C1' BNG DA . -10.98 15.36 9.57
C2' BNG DA . -11.32 15.90 8.18
C3' BNG DA . -10.40 15.14 7.12
C4' BNG DA . -10.96 15.31 5.69
C5' BNG DA . -10.04 14.51 4.73
C6' BNG DA . -10.57 14.56 3.27
C7' BNG DA . -9.37 14.47 2.30
C8' BNG DA . -9.09 13.02 1.92
C9' BNG DA . -8.12 13.01 0.75
O1 BNG DA . -11.61 16.23 10.53
O2 BNG DA . -12.23 18.37 12.17
O3 BNG DA . -12.42 17.37 14.99
O4 BNG DA . -9.84 16.17 15.66
O5 BNG DA . -10.40 15.33 12.23
O6 BNG DA . -9.78 13.42 14.08
C1 PEG EA . -6.09 3.83 8.00
O1 PEG EA . -4.88 3.37 7.60
C2 PEG EA . -6.41 3.31 9.37
O2 PEG EA . -7.83 3.35 9.55
C3 PEG EA . -8.26 3.28 10.93
C4 PEG EA . -9.50 4.14 11.10
O4 PEG EA . -10.55 3.42 11.69
C1 PEG FA . 12.47 -4.18 4.09
O1 PEG FA . 13.69 -3.92 3.56
C2 PEG FA . 11.51 -3.11 3.65
O2 PEG FA . 10.98 -2.46 4.80
C3 PEG FA . 9.87 -1.55 4.55
C4 PEG FA . 9.05 -1.44 5.81
O4 PEG FA . 9.92 -1.63 6.90
C1 PEG GA . 11.41 -6.14 -10.07
O1 PEG GA . 10.28 -5.49 -9.67
C2 PEG GA . 11.56 -6.03 -11.56
O2 PEG GA . 10.50 -6.73 -12.18
C3 PEG GA . 10.32 -6.50 -13.59
C4 PEG GA . 9.01 -7.08 -14.06
O4 PEG GA . 8.83 -8.39 -13.58
C1 PEG HA . -4.93 2.76 -11.88
O1 PEG HA . -5.12 3.64 -10.87
C2 PEG HA . -4.46 3.49 -13.12
O2 PEG HA . -5.49 3.53 -14.08
C3 PEG HA . -5.31 4.51 -15.13
C4 PEG HA . -6.63 5.20 -15.41
O4 PEG HA . -7.06 4.92 -16.71
C1 PEG IA . 22.67 1.65 -11.94
O1 PEG IA . 22.33 0.36 -12.14
C2 PEG IA . 21.69 2.32 -11.00
O2 PEG IA . 22.14 2.18 -9.66
C3 PEG IA . 22.74 0.89 -9.36
C4 PEG IA . 22.66 0.58 -7.89
O4 PEG IA . 23.16 1.67 -7.15
C1 PEG JA . -1.12 19.08 -2.90
O1 PEG JA . -0.16 19.71 -3.62
C2 PEG JA . -1.27 19.78 -1.58
O2 PEG JA . -2.50 19.43 -0.96
C3 PEG JA . -3.60 20.25 -1.37
C4 PEG JA . -4.57 20.28 -0.22
O4 PEG JA . -3.85 19.75 0.86
C1 PEG KA . -5.99 10.60 -6.15
O1 PEG KA . -6.65 11.78 -6.01
C2 PEG KA . -5.26 10.27 -4.87
O2 PEG KA . -5.68 11.12 -3.82
C3 PEG KA . -5.19 10.77 -2.51
C4 PEG KA . -5.65 11.76 -1.47
O4 PEG KA . -6.82 12.42 -1.93
C1 PEG LA . -6.21 1.12 12.67
O1 PEG LA . -6.54 0.26 11.66
C2 PEG LA . -6.76 0.59 13.97
O2 PEG LA . -6.20 1.31 15.06
C3 PEG LA . -7.03 2.39 15.55
C4 PEG LA . -8.25 1.85 16.25
O4 PEG LA . -8.19 2.12 17.62
C1 PEG MA . 15.46 4.50 11.01
O1 PEG MA . 15.24 4.04 9.76
C2 PEG MA . 14.29 5.37 11.42
O2 PEG MA . 14.64 6.74 11.30
C3 PEG MA . 13.54 7.64 11.53
C4 PEG MA . 12.54 7.44 10.43
O4 PEG MA . 12.17 8.68 9.91
C1 PEG NA . -0.22 29.24 16.87
O1 PEG NA . 0.82 29.58 16.06
C2 PEG NA . 0.26 28.35 17.98
O2 PEG NA . 1.26 29.02 18.73
C3 PEG NA . 2.58 28.94 18.17
C4 PEG NA . 3.44 28.13 19.11
O4 PEG NA . 4.59 27.69 18.45
C1 PEG OA . 17.35 2.73 -10.38
O1 PEG OA . 18.11 1.74 -10.94
C2 PEG OA . 18.05 3.10 -9.10
O2 PEG OA . 18.92 2.04 -8.71
C3 PEG OA . 19.97 2.41 -7.79
C4 PEG OA . 19.57 2.27 -6.32
O4 PEG OA . 19.48 3.50 -5.62
O1 PG4 PA . 6.61 -9.97 -20.69
C1 PG4 PA . 5.33 -9.90 -20.13
C2 PG4 PA . 5.34 -9.04 -18.85
O2 PG4 PA . 4.48 -7.95 -19.04
C3 PG4 PA . 3.75 -7.54 -17.92
C4 PG4 PA . 2.63 -6.55 -18.36
O3 PG4 PA . 1.90 -6.06 -17.27
C5 PG4 PA . 0.51 -5.75 -17.58
C6 PG4 PA . 0.00 -4.61 -16.67
O4 PG4 PA . 0.07 -4.96 -15.28
C7 PG4 PA . -0.38 -3.93 -14.38
C8 PG4 PA . 0.19 -4.20 -13.02
O5 PG4 PA . 0.40 -2.96 -12.29
O1 PG4 QA . -5.99 7.08 -8.74
C1 PG4 QA . -5.09 6.85 -7.71
C2 PG4 QA . -3.91 5.99 -8.18
O2 PG4 QA . -2.81 6.21 -7.32
C3 PG4 QA . -1.63 5.59 -7.69
C4 PG4 QA . -0.46 6.08 -6.78
O3 PG4 QA . 0.15 5.01 -6.16
C5 PG4 QA . 0.07 5.04 -4.71
C6 PG4 QA . -0.64 3.81 -4.14
O4 PG4 QA . 0.00 3.46 -2.90
C7 PG4 QA . -0.76 3.71 -1.71
C8 PG4 QA . -0.08 4.77 -0.89
O5 PG4 QA . -0.59 4.69 0.45
O1 PG4 RA . 21.77 10.08 -12.07
C1 PG4 RA . 21.87 8.73 -11.77
C2 PG4 RA . 22.05 8.56 -10.25
O2 PG4 RA . 21.56 7.31 -9.84
C3 PG4 RA . 20.20 7.31 -9.55
C4 PG4 RA . 19.64 5.85 -9.64
O3 PG4 RA . 20.14 5.03 -8.64
C5 PG4 RA . 20.11 5.57 -7.28
C6 PG4 RA . 19.00 6.60 -7.04
O4 PG4 RA . 17.75 6.32 -7.73
C7 PG4 RA . 16.95 5.30 -7.11
C8 PG4 RA . 16.50 5.91 -5.82
O5 PG4 RA . 16.89 5.02 -4.76
O1 PG4 SA . -15.89 15.42 12.67
C1 PG4 SA . -16.07 14.57 11.59
C2 PG4 SA . -15.76 15.30 10.29
O2 PG4 SA . -15.15 14.42 9.37
C3 PG4 SA . -15.96 13.37 8.95
C4 PG4 SA . -15.10 12.07 8.80
O3 PG4 SA . -14.46 12.03 7.56
C5 PG4 SA . -13.34 11.08 7.48
C6 PG4 SA . -12.74 11.07 6.07
O4 PG4 SA . -11.56 10.23 6.02
C7 PG4 SA . -11.13 9.81 4.71
C8 PG4 SA . -9.96 8.88 4.89
O5 PG4 SA . -9.36 8.49 3.63
O1 PG4 TA . 18.77 -4.29 -5.69
C1 PG4 TA . 18.81 -4.69 -4.37
C2 PG4 TA . 19.02 -6.21 -4.29
O2 PG4 TA . 18.75 -6.67 -2.99
C3 PG4 TA . 19.84 -6.57 -2.12
C4 PG4 TA . 19.46 -5.66 -0.91
O3 PG4 TA . 19.07 -4.40 -1.36
C5 PG4 TA . 18.39 -3.58 -0.36
C6 PG4 TA . 17.64 -4.50 0.60
O4 PG4 TA . 16.55 -3.78 1.19
C7 PG4 TA . 16.93 -2.66 2.01
C8 PG4 TA . 15.87 -1.61 1.91
O5 PG4 TA . 15.71 -0.88 3.15
OH2 1PE UA . 13.09 26.51 -6.59
C12 1PE UA . 13.89 26.61 -5.44
C22 1PE UA . 15.21 25.97 -5.76
OH3 1PE UA . 15.14 25.52 -7.12
C13 1PE UA . 17.26 24.39 -7.46
C23 1PE UA . 16.38 25.61 -7.82
OH4 1PE UA . 18.18 24.22 -8.54
C14 1PE UA . 19.59 22.79 -9.90
C24 1PE UA . 18.43 22.83 -8.93
OH5 1PE UA . 20.80 22.69 -9.17
C15 1PE UA . 23.14 22.21 -9.12
C25 1PE UA . 21.91 22.21 -9.96
OH6 1PE UA . 23.11 21.07 -8.19
C16 1PE UA . 24.48 21.25 -6.20
C26 1PE UA . 23.07 21.42 -6.82
OH7 1PE UA . 24.54 21.89 -4.90
O22 P33 VA . 21.40 20.20 5.57
C21 P33 VA . 21.42 19.97 6.98
C20 P33 VA . 20.98 21.21 7.71
O19 P33 VA . 20.15 22.01 6.84
C18 P33 VA . 19.33 22.97 7.49
C17 P33 VA . 18.61 23.83 6.42
O16 P33 VA . 17.94 24.92 7.04
C15 P33 VA . 16.67 25.26 6.48
C14 P33 VA . 16.78 26.60 5.64
O13 P33 VA . 16.82 26.30 4.20
C12 P33 VA . 16.67 27.46 3.29
C11 P33 VA . 15.18 27.75 2.92
O10 P33 VA . 15.03 29.05 2.23
C9 P33 VA . 13.79 29.26 1.56
C8 P33 VA . 13.89 28.96 0.06
O7 P33 VA . 14.27 30.12 -0.69
C6 P33 VA . 13.25 30.61 -1.60
C5 P33 VA . 12.35 31.58 -0.89
O4 P33 VA . 11.04 31.04 -0.76
C3 P33 VA . 10.82 30.27 0.41
C2 P33 VA . 10.81 31.26 1.61
O1 P33 VA . 10.59 30.55 2.82
#